data_6SUH
#
_entry.id   6SUH
#
_cell.length_a   42.912
_cell.length_b   85.462
_cell.length_c   64.708
_cell.angle_alpha   90.000
_cell.angle_beta   90.000
_cell.angle_gamma   90.000
#
_symmetry.space_group_name_H-M   'P 21 21 2'
#
loop_
_entity.id
_entity.type
_entity.pdbx_description
1 polymer Transthyretin
2 non-polymer 3-O-methyltolcapone
3 water water
#
_entity_poly.entity_id   1
_entity_poly.type   'polypeptide(L)'
_entity_poly.pdbx_seq_one_letter_code
;MASHRLLLLCLAGLVFVSEAGPTGTGESKCPLMVKVLDAVRGSPAINVAVHVFRKAADDTWEPFASGKTSESGELHGLTT
EEEFVEGIYKVEIDTKSYWKALGISPFHEHAEVVFTANDSGPRRYTIAALLSPYSYSTTAVVTNPKE
;
_entity_poly.pdbx_strand_id   A,B
#
# COMPACT_ATOMS: atom_id res chain seq x y z
N CYS A 30 -2.40 14.07 19.35
CA CYS A 30 -1.71 13.16 18.44
C CYS A 30 -2.54 12.98 17.18
N PRO A 31 -2.21 13.75 16.14
CA PRO A 31 -3.04 13.79 14.94
C PRO A 31 -2.75 12.68 13.93
N LEU A 32 -1.70 11.90 14.12
CA LEU A 32 -1.39 10.79 13.22
C LEU A 32 -0.91 9.63 14.07
N MET A 33 -1.61 8.51 14.03
CA MET A 33 -1.28 7.31 14.80
CA MET A 33 -1.25 7.31 14.79
C MET A 33 -1.28 6.12 13.84
N VAL A 34 -0.39 5.16 14.06
CA VAL A 34 -0.32 3.97 13.19
C VAL A 34 -0.43 2.75 14.09
N LYS A 35 -1.29 1.81 13.72
CA LYS A 35 -1.52 0.57 14.47
C LYS A 35 -1.37 -0.61 13.53
N VAL A 36 -0.61 -1.61 13.95
CA VAL A 36 -0.29 -2.76 13.10
C VAL A 36 -0.56 -4.05 13.88
N LEU A 37 -1.26 -4.98 13.21
CA LEU A 37 -1.68 -6.27 13.75
CA LEU A 37 -1.64 -6.28 13.77
C LEU A 37 -1.09 -7.40 12.89
N ASP A 38 -0.84 -8.54 13.53
CA ASP A 38 -0.29 -9.73 12.88
C ASP A 38 -1.38 -10.80 12.80
N ALA A 39 -1.77 -11.12 11.58
CA ALA A 39 -2.84 -12.07 11.30
C ALA A 39 -2.41 -13.52 11.39
N VAL A 40 -1.11 -13.80 11.51
CA VAL A 40 -0.61 -15.16 11.67
C VAL A 40 -0.65 -15.57 13.11
N ARG A 41 -0.22 -14.67 14.00
CA ARG A 41 -0.12 -14.92 15.42
C ARG A 41 -1.32 -14.45 16.22
N GLY A 42 -2.15 -13.59 15.67
CA GLY A 42 -3.28 -13.03 16.40
C GLY A 42 -2.80 -12.14 17.52
N SER A 43 -1.97 -11.15 17.18
CA SER A 43 -1.28 -10.35 18.18
CA SER A 43 -1.25 -10.35 18.17
C SER A 43 -1.02 -8.97 17.56
N PRO A 44 -0.70 -7.99 18.40
CA PRO A 44 -0.11 -6.78 17.84
C PRO A 44 1.18 -7.14 17.10
N ALA A 45 1.48 -6.36 16.06
CA ALA A 45 2.77 -6.46 15.35
C ALA A 45 3.72 -5.47 16.01
N ILE A 46 4.67 -6.00 16.80
CA ILE A 46 5.56 -5.21 17.65
CA ILE A 46 5.53 -5.15 17.63
C ILE A 46 6.83 -4.85 16.89
N ASN A 47 7.40 -3.67 17.15
N ASN A 47 7.39 -3.68 17.14
CA ASN A 47 8.70 -3.28 16.58
CA ASN A 47 8.68 -3.36 16.57
C ASN A 47 8.67 -3.15 15.07
C ASN A 47 8.63 -3.30 15.05
N VAL A 48 7.55 -2.77 14.50
CA VAL A 48 7.46 -2.51 13.06
C VAL A 48 7.90 -1.09 12.81
N ALA A 49 8.87 -0.93 11.91
CA ALA A 49 9.35 0.39 11.56
C ALA A 49 8.38 1.06 10.60
N VAL A 50 8.18 2.35 10.80
CA VAL A 50 7.27 3.17 10.00
C VAL A 50 7.98 4.47 9.64
N HIS A 51 7.95 4.82 8.37
CA HIS A 51 8.54 6.05 7.87
C HIS A 51 7.46 6.85 7.16
N VAL A 52 7.28 8.10 7.54
CA VAL A 52 6.27 8.98 6.96
C VAL A 52 6.99 10.03 6.13
N PHE A 53 6.45 10.31 4.94
CA PHE A 53 6.99 11.28 3.99
C PHE A 53 5.88 12.24 3.62
N ARG A 54 6.26 13.44 3.16
CA ARG A 54 5.30 14.45 2.74
C ARG A 54 5.77 14.99 1.41
N LYS A 55 4.86 15.12 0.45
CA LYS A 55 5.23 15.60 -0.87
C LYS A 55 5.56 17.08 -0.83
N ALA A 56 6.77 17.41 -1.27
CA ALA A 56 7.30 18.76 -1.24
C ALA A 56 6.85 19.51 -2.48
N ALA A 57 7.18 20.82 -2.49
CA ALA A 57 6.79 21.70 -3.58
C ALA A 57 7.37 21.26 -4.93
N ASP A 58 8.51 20.59 -4.92
CA ASP A 58 9.13 20.07 -6.14
C ASP A 58 8.65 18.67 -6.49
N ASP A 59 7.66 18.13 -5.77
CA ASP A 59 7.02 16.85 -6.05
C ASP A 59 7.85 15.63 -5.62
N THR A 60 8.91 15.82 -4.85
CA THR A 60 9.65 14.72 -4.24
C THR A 60 9.06 14.41 -2.86
N TRP A 61 9.38 13.21 -2.35
CA TRP A 61 8.94 12.75 -1.03
C TRP A 61 9.96 13.15 0.03
N GLU A 62 9.61 14.10 0.84
CA GLU A 62 10.49 14.59 1.88
C GLU A 62 10.27 13.80 3.17
N PRO A 63 11.32 13.35 3.86
CA PRO A 63 11.13 12.67 5.15
CA PRO A 63 11.13 12.67 5.14
C PRO A 63 10.43 13.59 6.12
N PHE A 64 9.41 13.06 6.79
CA PHE A 64 8.54 13.83 7.69
C PHE A 64 8.61 13.37 9.14
N ALA A 65 8.50 12.07 9.39
CA ALA A 65 8.58 11.52 10.74
C ALA A 65 8.83 10.02 10.61
N SER A 66 9.34 9.39 11.66
CA SER A 66 9.48 7.94 11.69
C SER A 66 9.45 7.44 13.12
N GLY A 67 9.18 6.15 13.27
CA GLY A 67 9.16 5.53 14.59
C GLY A 67 8.92 4.04 14.43
N LYS A 68 8.66 3.35 15.55
CA LYS A 68 8.39 1.91 15.53
CA LYS A 68 8.33 1.94 15.46
C LYS A 68 7.22 1.60 16.43
N THR A 69 6.48 0.54 16.10
CA THR A 69 5.33 0.20 16.91
C THR A 69 5.77 -0.39 18.25
N SER A 70 5.00 -0.07 19.29
CA SER A 70 5.23 -0.52 20.65
C SER A 70 4.69 -1.93 20.87
N GLU A 71 4.77 -2.39 22.12
CA GLU A 71 4.24 -3.68 22.50
C GLU A 71 2.76 -3.85 22.21
N SER A 72 2.01 -2.75 22.10
CA SER A 72 0.59 -2.76 21.78
C SER A 72 0.34 -2.74 20.28
N GLY A 73 1.37 -2.68 19.47
CA GLY A 73 1.20 -2.52 18.05
C GLY A 73 0.96 -1.10 17.61
N GLU A 74 1.05 -0.14 18.50
CA GLU A 74 0.73 1.23 18.20
C GLU A 74 1.97 2.10 18.15
N LEU A 75 1.89 3.13 17.32
CA LEU A 75 2.96 4.12 17.19
C LEU A 75 2.33 5.47 17.37
N HIS A 76 2.65 6.11 18.49
CA HIS A 76 2.20 7.44 18.89
C HIS A 76 3.36 8.43 18.81
N GLY A 77 3.04 9.72 18.79
CA GLY A 77 4.10 10.73 18.86
C GLY A 77 4.85 11.03 17.56
N LEU A 78 4.31 10.62 16.40
CA LEU A 78 5.02 10.92 15.16
C LEU A 78 5.14 12.42 14.93
N THR A 79 4.06 13.19 15.17
CA THR A 79 4.04 14.60 14.81
C THR A 79 3.18 15.37 15.76
N THR A 80 3.00 16.65 15.48
CA THR A 80 2.25 17.58 16.30
C THR A 80 1.19 18.22 15.42
N GLU A 81 0.17 18.78 16.06
CA GLU A 81 -0.85 19.52 15.32
C GLU A 81 -0.22 20.65 14.50
N GLU A 82 0.76 21.37 15.07
CA GLU A 82 1.34 22.49 14.35
C GLU A 82 2.08 22.01 13.11
N GLU A 83 2.83 20.90 13.24
CA GLU A 83 3.70 20.52 12.15
CA GLU A 83 3.72 20.43 12.19
C GLU A 83 2.97 19.72 11.08
N PHE A 84 1.82 19.11 11.40
CA PHE A 84 1.07 18.25 10.49
C PHE A 84 0.10 19.10 9.67
N VAL A 85 0.66 19.86 8.74
CA VAL A 85 -0.07 20.79 7.91
C VAL A 85 -0.76 20.03 6.77
N GLU A 86 -1.56 20.73 5.98
N GLU A 86 -1.55 20.73 5.99
CA GLU A 86 -2.07 20.13 4.76
CA GLU A 86 -2.14 20.10 4.79
C GLU A 86 -0.93 19.51 3.96
C GLU A 86 -1.04 19.64 3.83
N GLY A 87 -1.27 18.50 3.19
CA GLY A 87 -0.34 17.97 2.22
C GLY A 87 -0.72 16.57 1.84
N ILE A 88 0.10 15.99 0.98
CA ILE A 88 -0.01 14.59 0.60
C ILE A 88 1.08 13.83 1.34
N TYR A 89 0.65 12.86 2.14
CA TYR A 89 1.53 12.09 3.01
C TYR A 89 1.60 10.65 2.55
N LYS A 90 2.75 10.02 2.73
CA LYS A 90 2.98 8.61 2.51
C LYS A 90 3.44 7.98 3.81
N VAL A 91 2.68 7.01 4.28
CA VAL A 91 3.04 6.20 5.44
C VAL A 91 3.57 4.87 4.93
N GLU A 92 4.87 4.66 5.04
N GLU A 92 4.87 4.61 5.14
CA GLU A 92 5.50 3.39 4.66
CA GLU A 92 5.56 3.40 4.67
C GLU A 92 5.67 2.56 5.90
C GLU A 92 5.82 2.48 5.86
N ILE A 93 5.15 1.34 5.83
CA ILE A 93 5.19 0.39 6.94
C ILE A 93 6.12 -0.73 6.49
N ASP A 94 7.20 -0.93 7.23
CA ASP A 94 8.29 -1.81 6.76
C ASP A 94 7.99 -3.27 7.11
N THR A 95 7.06 -3.82 6.33
CA THR A 95 6.55 -5.17 6.56
C THR A 95 7.62 -6.23 6.25
N LYS A 96 8.44 -6.02 5.21
CA LYS A 96 9.46 -7.03 4.92
CA LYS A 96 9.45 -7.04 4.92
C LYS A 96 10.46 -7.12 6.06
N SER A 97 10.92 -5.95 6.55
CA SER A 97 11.86 -5.92 7.67
C SER A 97 11.25 -6.59 8.89
N TYR A 98 9.91 -6.43 9.10
CA TYR A 98 9.21 -7.07 10.20
C TYR A 98 9.24 -8.58 10.08
N TRP A 99 8.81 -9.13 8.91
CA TRP A 99 8.78 -10.57 8.71
C TRP A 99 10.20 -11.16 8.71
N LYS A 100 11.16 -10.48 8.09
CA LYS A 100 12.53 -11.02 8.06
C LYS A 100 13.19 -11.01 9.44
N ALA A 101 12.87 -10.03 10.30
CA ALA A 101 13.35 -10.06 11.68
C ALA A 101 12.79 -11.24 12.46
N LEU A 102 11.66 -11.79 12.02
CA LEU A 102 11.07 -13.00 12.58
C LEU A 102 11.48 -14.25 11.84
N GLY A 103 12.38 -14.12 10.86
CA GLY A 103 12.88 -15.25 10.11
C GLY A 103 11.95 -15.79 9.06
N ILE A 104 11.03 -14.96 8.54
CA ILE A 104 10.07 -15.35 7.52
C ILE A 104 10.35 -14.54 6.25
N SER A 105 10.28 -15.20 5.07
CA SER A 105 10.48 -14.56 3.78
CA SER A 105 10.48 -14.53 3.79
C SER A 105 9.12 -14.12 3.24
N PRO A 106 8.77 -12.80 3.24
CA PRO A 106 7.42 -12.39 2.79
C PRO A 106 7.37 -11.93 1.34
N PHE A 107 6.20 -11.54 0.83
CA PHE A 107 6.07 -11.13 -0.56
C PHE A 107 6.35 -9.64 -0.78
N HIS A 108 5.77 -8.76 0.01
CA HIS A 108 5.91 -7.34 -0.26
CA HIS A 108 5.85 -7.32 -0.21
C HIS A 108 7.15 -6.73 0.36
N GLU A 109 7.62 -5.65 -0.25
CA GLU A 109 8.72 -4.88 0.32
C GLU A 109 8.24 -4.09 1.53
N HIS A 110 7.12 -3.41 1.38
CA HIS A 110 6.55 -2.58 2.43
C HIS A 110 5.12 -2.27 2.02
N ALA A 111 4.31 -1.83 2.95
CA ALA A 111 2.99 -1.32 2.65
C ALA A 111 3.10 0.19 2.58
N GLU A 112 2.46 0.82 1.62
CA GLU A 112 2.51 2.25 1.41
C GLU A 112 1.07 2.74 1.51
N VAL A 113 0.81 3.73 2.34
CA VAL A 113 -0.50 4.35 2.44
C VAL A 113 -0.34 5.82 2.09
N VAL A 114 -0.96 6.27 1.01
CA VAL A 114 -0.73 7.62 0.45
C VAL A 114 -2.07 8.34 0.43
N PHE A 115 -2.12 9.51 1.09
CA PHE A 115 -3.38 10.23 1.27
C PHE A 115 -3.15 11.72 1.43
N THR A 116 -4.14 12.51 1.05
CA THR A 116 -4.19 13.95 1.36
C THR A 116 -4.72 14.10 2.77
N ALA A 117 -4.07 14.93 3.59
CA ALA A 117 -4.48 15.17 4.96
C ALA A 117 -4.78 16.65 5.14
N ASN A 118 -5.74 16.91 6.04
CA ASN A 118 -6.04 18.24 6.59
C ASN A 118 -6.55 19.22 5.54
N ASP A 119 -7.07 18.75 4.43
CA ASP A 119 -7.50 19.70 3.40
C ASP A 119 -8.87 20.32 3.70
N SER A 120 -9.60 19.84 4.71
CA SER A 120 -10.80 20.48 5.20
C SER A 120 -10.61 20.95 6.64
N GLY A 121 -9.38 21.27 7.02
CA GLY A 121 -9.08 21.60 8.39
C GLY A 121 -8.47 20.42 9.10
N PRO A 122 -7.97 20.65 10.31
CA PRO A 122 -7.26 19.60 11.04
C PRO A 122 -8.17 18.41 11.34
N ARG A 123 -7.62 17.22 11.12
CA ARG A 123 -8.25 15.97 11.51
C ARG A 123 -7.25 15.07 12.21
N ARG A 124 -7.79 14.06 12.91
CA ARG A 124 -6.98 13.02 13.52
C ARG A 124 -7.10 11.73 12.68
N TYR A 125 -5.95 11.14 12.38
CA TYR A 125 -5.87 10.01 11.48
C TYR A 125 -5.25 8.83 12.20
N THR A 126 -5.92 7.69 12.15
CA THR A 126 -5.34 6.42 12.54
C THR A 126 -5.22 5.59 11.28
N ILE A 127 -4.02 5.15 10.97
CA ILE A 127 -3.75 4.23 9.87
C ILE A 127 -3.51 2.87 10.49
N ALA A 128 -4.41 1.93 10.21
CA ALA A 128 -4.35 0.59 10.76
C ALA A 128 -3.99 -0.38 9.64
N ALA A 129 -3.15 -1.35 9.95
CA ALA A 129 -2.71 -2.35 8.99
C ALA A 129 -2.77 -3.73 9.63
N LEU A 130 -3.20 -4.70 8.84
CA LEU A 130 -3.31 -6.09 9.25
C LEU A 130 -2.42 -6.90 8.33
N LEU A 131 -1.39 -7.56 8.88
CA LEU A 131 -0.33 -8.16 8.08
C LEU A 131 -0.37 -9.68 8.05
N SER A 132 -0.17 -10.25 6.85
CA SER A 132 0.11 -11.66 6.61
C SER A 132 1.31 -11.71 5.66
N PRO A 133 2.01 -12.84 5.56
CA PRO A 133 3.22 -12.84 4.70
C PRO A 133 2.98 -12.48 3.24
N TYR A 134 1.87 -12.87 2.65
CA TYR A 134 1.57 -12.61 1.24
C TYR A 134 0.38 -11.68 1.05
N SER A 135 -0.05 -10.96 2.09
CA SER A 135 -1.24 -10.13 1.96
C SER A 135 -1.21 -9.09 3.08
N TYR A 136 -1.76 -7.91 2.82
CA TYR A 136 -2.02 -7.00 3.93
C TYR A 136 -3.24 -6.17 3.58
N SER A 137 -3.87 -5.63 4.61
N SER A 137 -3.85 -5.64 4.63
CA SER A 137 -4.97 -4.71 4.43
CA SER A 137 -4.98 -4.73 4.52
C SER A 137 -4.67 -3.48 5.27
C SER A 137 -4.61 -3.46 5.26
N THR A 138 -5.14 -2.34 4.81
CA THR A 138 -5.02 -1.08 5.55
C THR A 138 -6.33 -0.34 5.55
N THR A 139 -6.62 0.32 6.65
N THR A 139 -6.60 0.35 6.65
CA THR A 139 -7.82 1.13 6.77
CA THR A 139 -7.79 1.18 6.73
C THR A 139 -7.41 2.43 7.46
C THR A 139 -7.48 2.41 7.54
N ALA A 140 -8.23 3.45 7.27
CA ALA A 140 -8.06 4.74 7.91
C ALA A 140 -9.30 5.02 8.73
N VAL A 141 -9.06 5.50 9.94
CA VAL A 141 -10.11 6.02 10.81
C VAL A 141 -9.78 7.49 11.01
N VAL A 142 -10.65 8.35 10.48
CA VAL A 142 -10.45 9.80 10.46
C VAL A 142 -11.52 10.42 11.33
N THR A 143 -11.12 11.21 12.32
CA THR A 143 -12.03 11.86 13.24
C THR A 143 -11.76 13.37 13.27
N ASN A 144 -12.79 14.11 13.69
CA ASN A 144 -12.74 15.56 13.70
C ASN A 144 -12.77 16.05 15.13
N PRO A 145 -11.68 16.61 15.67
CA PRO A 145 -11.70 17.06 17.06
C PRO A 145 -12.65 18.23 17.28
N CYS B 30 1.83 -15.15 -19.57
CA CYS B 30 1.44 -13.99 -18.77
C CYS B 30 1.97 -14.14 -17.34
N PRO B 31 3.19 -13.66 -17.08
CA PRO B 31 3.75 -13.81 -15.74
C PRO B 31 3.19 -12.87 -14.69
N LEU B 32 2.47 -11.82 -15.08
CA LEU B 32 1.92 -10.83 -14.15
C LEU B 32 0.51 -10.45 -14.57
N MET B 33 -0.46 -10.65 -13.65
CA MET B 33 -1.85 -10.26 -13.88
C MET B 33 -2.31 -9.46 -12.66
N VAL B 34 -3.13 -8.46 -12.87
CA VAL B 34 -3.66 -7.62 -11.79
C VAL B 34 -5.18 -7.69 -11.85
N LYS B 35 -5.80 -7.97 -10.70
CA LYS B 35 -7.25 -8.11 -10.59
C LYS B 35 -7.73 -7.17 -9.50
N VAL B 36 -8.77 -6.40 -9.78
CA VAL B 36 -9.29 -5.40 -8.84
C VAL B 36 -10.79 -5.61 -8.65
N LEU B 37 -11.20 -5.58 -7.39
CA LEU B 37 -12.58 -5.82 -7.00
CA LEU B 37 -12.57 -5.84 -6.97
C LEU B 37 -13.09 -4.68 -6.13
N ASP B 38 -14.40 -4.44 -6.19
CA ASP B 38 -15.10 -3.36 -5.50
C ASP B 38 -15.94 -3.97 -4.37
N ALA B 39 -15.57 -3.65 -3.13
CA ALA B 39 -16.22 -4.19 -1.92
C ALA B 39 -17.49 -3.46 -1.55
N VAL B 40 -17.80 -2.34 -2.19
CA VAL B 40 -19.00 -1.57 -1.93
C VAL B 40 -20.15 -2.08 -2.76
N ARG B 41 -19.90 -2.33 -4.02
CA ARG B 41 -20.93 -2.83 -4.91
C ARG B 41 -20.87 -4.33 -5.14
N GLY B 42 -19.82 -5.01 -4.71
CA GLY B 42 -19.74 -6.45 -4.90
C GLY B 42 -19.57 -6.78 -6.35
N SER B 43 -18.56 -6.22 -7.00
CA SER B 43 -18.41 -6.32 -8.45
C SER B 43 -16.94 -6.22 -8.80
N PRO B 44 -16.57 -6.61 -10.01
CA PRO B 44 -15.25 -6.22 -10.50
C PRO B 44 -15.13 -4.71 -10.54
N ALA B 45 -13.91 -4.20 -10.36
CA ALA B 45 -13.65 -2.77 -10.52
C ALA B 45 -13.18 -2.57 -11.95
N ILE B 46 -14.05 -2.01 -12.80
CA ILE B 46 -13.87 -1.92 -14.25
C ILE B 46 -13.25 -0.58 -14.60
N ASN B 47 -12.38 -0.61 -15.62
N ASN B 47 -12.41 -0.58 -15.65
CA ASN B 47 -11.77 0.60 -16.18
CA ASN B 47 -11.78 0.64 -16.15
C ASN B 47 -10.87 1.33 -15.20
C ASN B 47 -10.98 1.36 -15.06
N VAL B 48 -10.23 0.59 -14.29
CA VAL B 48 -9.29 1.14 -13.34
C VAL B 48 -7.90 1.18 -14.01
N ALA B 49 -7.25 2.34 -13.98
CA ALA B 49 -5.89 2.47 -14.50
C ALA B 49 -4.90 1.83 -13.55
N VAL B 50 -3.96 1.09 -14.14
CA VAL B 50 -2.92 0.39 -13.42
C VAL B 50 -1.60 0.70 -14.12
N HIS B 51 -0.61 1.14 -13.34
CA HIS B 51 0.74 1.43 -13.84
C HIS B 51 1.76 0.59 -13.09
N VAL B 52 2.60 -0.10 -13.83
CA VAL B 52 3.67 -0.92 -13.26
C VAL B 52 5.00 -0.23 -13.56
N PHE B 53 5.88 -0.25 -12.59
CA PHE B 53 7.21 0.34 -12.65
C PHE B 53 8.21 -0.69 -12.19
N ARG B 54 9.44 -0.58 -12.71
CA ARG B 54 10.54 -1.39 -12.24
C ARG B 54 11.56 -0.49 -11.58
N LYS B 55 12.10 -0.90 -10.44
CA LYS B 55 13.11 -0.10 -9.76
C LYS B 55 14.43 -0.15 -10.53
N ALA B 56 14.94 1.02 -10.90
CA ALA B 56 16.17 1.18 -11.67
C ALA B 56 17.38 1.17 -10.74
N ALA B 57 18.58 1.07 -11.33
CA ALA B 57 19.80 0.96 -10.54
C ALA B 57 19.98 2.16 -9.62
N ASP B 58 19.52 3.33 -10.03
CA ASP B 58 19.62 4.56 -9.25
C ASP B 58 18.46 4.75 -8.28
N ASP B 59 17.64 3.72 -8.03
CA ASP B 59 16.54 3.72 -7.07
C ASP B 59 15.31 4.50 -7.54
N THR B 60 15.27 5.00 -8.76
CA THR B 60 14.07 5.58 -9.32
C THR B 60 13.16 4.50 -9.90
N TRP B 61 11.92 4.90 -10.15
CA TRP B 61 10.91 4.02 -10.71
C TRP B 61 10.77 4.27 -12.21
N GLU B 62 11.06 3.27 -12.99
CA GLU B 62 11.02 3.32 -14.45
C GLU B 62 9.70 2.76 -14.94
N PRO B 63 8.91 3.48 -15.75
CA PRO B 63 7.70 2.88 -16.33
C PRO B 63 8.02 1.55 -16.99
N PHE B 64 7.10 0.59 -16.82
CA PHE B 64 7.33 -0.78 -17.23
C PHE B 64 6.17 -1.27 -18.09
N ALA B 65 4.94 -1.04 -17.64
CA ALA B 65 3.74 -1.51 -18.34
C ALA B 65 2.55 -0.83 -17.70
N SER B 66 1.46 -0.73 -18.45
CA SER B 66 0.25 -0.12 -17.93
C SER B 66 -0.97 -0.58 -18.71
N GLY B 67 -2.15 -0.34 -18.14
CA GLY B 67 -3.39 -0.66 -18.83
C GLY B 67 -4.56 -0.31 -17.93
N LYS B 68 -5.75 -0.65 -18.37
CA LYS B 68 -6.97 -0.47 -17.57
C LYS B 68 -7.65 -1.81 -17.39
N THR B 69 -8.22 -2.06 -16.20
CA THR B 69 -8.92 -3.32 -15.96
C THR B 69 -10.10 -3.48 -16.92
N SER B 70 -10.34 -4.73 -17.27
CA SER B 70 -11.44 -5.10 -18.16
C SER B 70 -12.77 -5.17 -17.40
N GLU B 71 -13.82 -5.61 -18.10
CA GLU B 71 -15.12 -5.82 -17.48
C GLU B 71 -15.11 -6.88 -16.37
N SER B 72 -14.11 -7.76 -16.36
CA SER B 72 -13.93 -8.79 -15.33
C SER B 72 -13.12 -8.26 -14.16
N GLY B 73 -12.63 -7.01 -14.22
CA GLY B 73 -11.74 -6.48 -13.20
C GLY B 73 -10.31 -6.90 -13.40
N GLU B 74 -10.01 -7.57 -14.49
CA GLU B 74 -8.68 -8.11 -14.71
C GLU B 74 -7.92 -7.32 -15.76
N LEU B 75 -6.60 -7.32 -15.62
CA LEU B 75 -5.68 -6.72 -16.58
C LEU B 75 -4.64 -7.76 -16.91
N HIS B 76 -4.73 -8.30 -18.14
CA HIS B 76 -3.86 -9.31 -18.73
C HIS B 76 -2.92 -8.63 -19.71
N GLY B 77 -1.86 -9.33 -20.07
CA GLY B 77 -1.01 -8.88 -21.16
C GLY B 77 -0.03 -7.80 -20.80
N LEU B 78 0.23 -7.57 -19.51
CA LEU B 78 1.10 -6.48 -19.13
C LEU B 78 2.52 -6.70 -19.61
N THR B 79 3.04 -7.92 -19.52
CA THR B 79 4.44 -8.17 -19.84
C THR B 79 4.59 -9.57 -20.38
N THR B 80 5.84 -9.97 -20.59
CA THR B 80 6.19 -11.28 -21.12
C THR B 80 7.24 -11.90 -20.21
N GLU B 81 7.39 -13.21 -20.30
CA GLU B 81 8.42 -13.87 -19.50
C GLU B 81 9.80 -13.31 -19.81
N GLU B 82 10.06 -12.96 -21.06
CA GLU B 82 11.36 -12.42 -21.44
C GLU B 82 11.66 -11.08 -20.74
N GLU B 83 10.66 -10.19 -20.67
CA GLU B 83 10.92 -8.87 -20.11
CA GLU B 83 10.86 -8.85 -20.12
C GLU B 83 10.83 -8.83 -18.59
N PHE B 84 10.10 -9.75 -17.96
CA PHE B 84 9.82 -9.71 -16.51
C PHE B 84 10.92 -10.41 -15.71
N VAL B 85 12.11 -9.79 -15.69
CA VAL B 85 13.26 -10.32 -14.98
C VAL B 85 13.13 -10.08 -13.48
N GLU B 86 13.96 -10.76 -12.70
CA GLU B 86 14.00 -10.53 -11.26
C GLU B 86 14.30 -9.06 -10.98
N GLY B 87 13.71 -8.58 -9.90
CA GLY B 87 13.89 -7.22 -9.46
C GLY B 87 12.68 -6.76 -8.66
N ILE B 88 12.71 -5.50 -8.27
CA ILE B 88 11.64 -4.90 -7.49
C ILE B 88 10.70 -4.16 -8.42
N TYR B 89 9.41 -4.43 -8.29
CA TYR B 89 8.38 -3.80 -9.10
C TYR B 89 7.39 -3.09 -8.18
N LYS B 90 6.75 -2.06 -8.73
CA LYS B 90 5.67 -1.35 -8.07
C LYS B 90 4.47 -1.34 -8.99
N VAL B 91 3.34 -1.79 -8.46
CA VAL B 91 2.06 -1.74 -9.15
C VAL B 91 1.25 -0.64 -8.48
N GLU B 92 0.91 0.40 -9.23
CA GLU B 92 0.10 1.52 -8.77
C GLU B 92 -1.28 1.44 -9.39
N ILE B 93 -2.31 1.48 -8.54
CA ILE B 93 -3.71 1.31 -8.94
C ILE B 93 -4.41 2.62 -8.66
N ASP B 94 -4.99 3.24 -9.70
N ASP B 94 -5.04 3.20 -9.66
CA ASP B 94 -5.61 4.55 -9.55
CA ASP B 94 -5.53 4.57 -9.55
C ASP B 94 -6.99 4.37 -8.96
C ASP B 94 -6.95 4.58 -8.95
N THR B 95 -7.01 4.21 -7.65
CA THR B 95 -8.26 4.05 -6.92
C THR B 95 -9.00 5.36 -6.79
N LYS B 96 -8.30 6.48 -6.67
CA LYS B 96 -8.98 7.74 -6.44
C LYS B 96 -9.91 8.08 -7.59
N SER B 97 -9.41 7.96 -8.84
CA SER B 97 -10.25 8.26 -9.98
CA SER B 97 -10.22 8.23 -10.02
C SER B 97 -11.41 7.28 -10.09
N TYR B 98 -11.22 6.03 -9.68
CA TYR B 98 -12.29 5.04 -9.71
C TYR B 98 -13.45 5.48 -8.84
N TRP B 99 -13.17 5.83 -7.58
CA TRP B 99 -14.24 6.24 -6.66
C TRP B 99 -14.89 7.55 -7.08
N LYS B 100 -14.10 8.51 -7.54
CA LYS B 100 -14.68 9.78 -7.94
C LYS B 100 -15.56 9.65 -9.17
N ALA B 101 -15.24 8.73 -10.09
CA ALA B 101 -16.11 8.52 -11.24
C ALA B 101 -17.45 7.93 -10.83
N LEU B 102 -17.52 7.31 -9.66
CA LEU B 102 -18.74 6.81 -9.04
C LEU B 102 -19.39 7.82 -8.12
N GLY B 103 -18.85 9.03 -8.01
CA GLY B 103 -19.45 10.00 -7.13
C GLY B 103 -19.17 9.79 -5.65
N ILE B 104 -18.07 9.12 -5.31
CA ILE B 104 -17.73 8.79 -3.93
C ILE B 104 -16.37 9.41 -3.61
N SER B 105 -16.26 10.03 -2.43
CA SER B 105 -15.01 10.68 -2.01
C SER B 105 -14.13 9.67 -1.29
N PRO B 106 -12.98 9.33 -1.81
CA PRO B 106 -12.17 8.29 -1.16
C PRO B 106 -11.02 8.85 -0.33
N PHE B 107 -10.37 7.99 0.42
CA PHE B 107 -9.29 8.41 1.29
C PHE B 107 -7.93 8.44 0.59
N HIS B 108 -7.59 7.43 -0.17
CA HIS B 108 -6.22 7.27 -0.65
C HIS B 108 -6.05 7.95 -1.99
N GLU B 109 -4.80 8.40 -2.24
CA GLU B 109 -4.45 8.90 -3.58
C GLU B 109 -4.44 7.79 -4.63
N HIS B 110 -3.94 6.64 -4.24
CA HIS B 110 -3.82 5.47 -5.12
C HIS B 110 -3.45 4.34 -4.18
N ALA B 111 -3.53 3.12 -4.67
CA ALA B 111 -3.00 1.98 -3.95
C ALA B 111 -1.70 1.58 -4.62
N GLU B 112 -0.74 1.14 -3.84
CA GLU B 112 0.59 0.76 -4.29
C GLU B 112 0.86 -0.66 -3.79
N VAL B 113 1.46 -1.49 -4.65
CA VAL B 113 1.92 -2.81 -4.24
C VAL B 113 3.37 -2.93 -4.71
N VAL B 114 4.29 -3.13 -3.79
CA VAL B 114 5.72 -3.14 -4.10
C VAL B 114 6.26 -4.50 -3.66
N PHE B 115 6.94 -5.19 -4.58
CA PHE B 115 7.32 -6.58 -4.34
C PHE B 115 8.55 -6.91 -5.18
N THR B 116 9.23 -8.00 -4.79
CA THR B 116 10.34 -8.55 -5.56
C THR B 116 9.87 -9.74 -6.37
N ALA B 117 10.16 -9.72 -7.67
CA ALA B 117 10.01 -10.90 -8.51
C ALA B 117 11.23 -11.79 -8.34
N ASN B 118 10.98 -13.08 -8.13
CA ASN B 118 12.01 -14.07 -7.81
C ASN B 118 11.81 -15.28 -8.71
N ASP B 119 12.89 -15.75 -9.33
CA ASP B 119 12.81 -16.92 -10.19
C ASP B 119 12.78 -18.24 -9.42
C ASP B 119 12.78 -18.24 -9.42
N SER B 120 13.23 -18.23 -8.16
CA SER B 120 13.13 -19.43 -7.34
C SER B 120 11.67 -19.78 -7.04
N GLY B 121 10.81 -18.77 -6.97
CA GLY B 121 9.41 -19.01 -6.68
C GLY B 121 8.69 -19.54 -7.90
N PRO B 122 7.39 -19.78 -7.74
CA PRO B 122 6.54 -20.10 -8.90
C PRO B 122 6.48 -18.93 -9.88
N ARG B 123 6.07 -19.25 -11.13
CA ARG B 123 6.32 -18.36 -12.27
C ARG B 123 5.23 -17.32 -12.52
N ARG B 124 4.01 -17.52 -12.04
CA ARG B 124 2.91 -16.64 -12.38
C ARG B 124 2.45 -15.88 -11.14
N TYR B 125 2.30 -14.57 -11.31
CA TYR B 125 1.97 -13.65 -10.22
C TYR B 125 0.62 -13.01 -10.53
N THR B 126 -0.37 -13.23 -9.65
CA THR B 126 -1.59 -12.45 -9.66
C THR B 126 -1.56 -11.53 -8.45
N ILE B 127 -1.66 -10.24 -8.69
CA ILE B 127 -1.76 -9.24 -7.63
C ILE B 127 -3.24 -8.88 -7.60
N ALA B 128 -3.94 -9.24 -6.52
CA ALA B 128 -5.35 -8.93 -6.40
C ALA B 128 -5.53 -7.81 -5.36
N ALA B 129 -6.42 -6.86 -5.64
CA ALA B 129 -6.74 -5.73 -4.76
C ALA B 129 -8.25 -5.66 -4.56
N LEU B 130 -8.65 -5.46 -3.31
CA LEU B 130 -10.05 -5.34 -2.92
C LEU B 130 -10.26 -3.95 -2.34
N LEU B 131 -11.11 -3.14 -2.98
CA LEU B 131 -11.19 -1.71 -2.72
C LEU B 131 -12.44 -1.32 -1.95
N SER B 132 -12.27 -0.47 -0.92
CA SER B 132 -13.32 0.29 -0.28
C SER B 132 -12.88 1.74 -0.19
N PRO B 133 -13.80 2.67 0.04
CA PRO B 133 -13.38 4.10 0.02
C PRO B 133 -12.27 4.45 0.99
N TYR B 134 -12.29 3.89 2.21
CA TYR B 134 -11.30 4.19 3.26
C TYR B 134 -10.40 3.01 3.59
N SER B 135 -10.36 1.97 2.77
CA SER B 135 -9.59 0.79 3.07
C SER B 135 -9.28 0.04 1.78
N TYR B 136 -8.14 -0.64 1.75
CA TYR B 136 -7.94 -1.61 0.68
C TYR B 136 -7.08 -2.75 1.19
N SER B 137 -7.20 -3.88 0.53
N SER B 137 -7.20 -3.87 0.50
N SER B 137 -7.18 -3.86 0.50
CA SER B 137 -6.38 -5.01 0.85
CA SER B 137 -6.50 -5.10 0.84
CA SER B 137 -6.43 -5.05 0.84
C SER B 137 -5.75 -5.50 -0.44
C SER B 137 -5.84 -5.63 -0.43
C SER B 137 -5.81 -5.59 -0.44
N THR B 138 -4.63 -6.20 -0.30
CA THR B 138 -3.97 -6.79 -1.44
C THR B 138 -3.37 -8.12 -1.08
N THR B 139 -3.43 -9.07 -2.01
N THR B 139 -3.32 -8.98 -2.07
CA THR B 139 -2.81 -10.37 -1.81
CA THR B 139 -2.89 -10.35 -1.90
C THR B 139 -2.12 -10.73 -3.11
C THR B 139 -2.11 -10.71 -3.14
N ALA B 140 -1.17 -11.62 -2.97
CA ALA B 140 -0.45 -12.17 -4.11
C ALA B 140 -0.75 -13.65 -4.17
N VAL B 141 -1.12 -14.10 -5.35
CA VAL B 141 -1.38 -15.50 -5.61
C VAL B 141 -0.34 -15.91 -6.64
N VAL B 142 0.63 -16.70 -6.22
CA VAL B 142 1.83 -16.98 -7.02
C VAL B 142 1.87 -18.48 -7.26
N THR B 143 1.80 -18.89 -8.54
CA THR B 143 1.60 -20.29 -8.91
C THR B 143 2.42 -20.66 -10.13
N ASN B 144 2.53 -21.97 -10.36
CA ASN B 144 3.03 -22.55 -11.62
C ASN B 144 1.82 -23.09 -12.37
#